data_5OFW
#
_entry.id   5OFW
#
_cell.length_a   43.386
_cell.length_b   45.835
_cell.length_c   55.996
_cell.angle_alpha   97.58
_cell.angle_beta   111.01
_cell.angle_gamma   106.01
#
_symmetry.space_group_name_H-M   'P 1'
#
loop_
_entity.id
_entity.type
_entity.pdbx_description
1 polymer 'D-3-phosphoglycerate dehydrogenase'
2 non-polymer 3-chloranyl-4-fluoranyl-benzamide
3 water water
#
_entity_poly.entity_id   1
_entity_poly.type   'polypeptide(L)'
_entity_poly.pdbx_seq_one_letter_code
;MLVMNTPNGNSLSAAELTCGMIMCLARQIPQATASMKDGKWERKKFMGTELNGKTLGILGLGRIGREVATRMQSFGMKTI
GYDPIISPEVSASFGVQQLPLEEIWPLCDFITVHTPLLPSTTGLLNDNTFAQCKKGVRVVNCARGGIVDEGALLRALQSG
QCAGAALDVFTEEPPRDRALVDHENVISCPHLGASTKEAQSRCGEEIAVQFVDMVKGKSLTGV
;
_entity_poly.pdbx_strand_id   B,A
#
# COMPACT_ATOMS: atom_id res chain seq x y z
N ASN A 8 8.22 -18.92 -0.88
CA ASN A 8 7.64 -19.97 0.06
C ASN A 8 7.69 -19.39 1.51
N GLY A 9 8.85 -19.53 2.14
CA GLY A 9 9.30 -18.63 3.13
C GLY A 9 9.20 -17.19 2.66
N ASN A 10 9.36 -16.84 1.37
CA ASN A 10 9.16 -15.41 0.93
C ASN A 10 7.81 -15.02 0.27
N SER A 11 6.83 -15.93 0.33
N SER A 11 6.83 -15.93 0.33
CA SER A 11 5.58 -15.74 -0.39
CA SER A 11 5.57 -15.75 -0.39
C SER A 11 4.83 -14.53 0.12
C SER A 11 4.83 -14.53 0.12
N LEU A 12 4.79 -14.36 1.45
CA LEU A 12 4.11 -13.22 2.05
C LEU A 12 4.82 -11.93 1.76
N SER A 13 6.15 -11.93 1.75
CA SER A 13 6.87 -10.68 1.47
C SER A 13 6.50 -10.18 0.04
N ALA A 14 6.50 -11.16 -0.90
CA ALA A 14 6.10 -10.88 -2.23
C ALA A 14 4.65 -10.40 -2.42
N ALA A 15 3.75 -11.07 -1.79
CA ALA A 15 2.41 -10.70 -1.79
C ALA A 15 2.15 -9.33 -1.19
N GLU A 16 2.88 -9.06 -0.12
CA GLU A 16 2.65 -7.76 0.57
C GLU A 16 3.13 -6.62 -0.28
N LEU A 17 4.31 -6.79 -0.88
CA LEU A 17 4.81 -5.76 -1.83
C LEU A 17 3.82 -5.52 -2.98
N THR A 18 3.29 -6.62 -3.53
CA THR A 18 2.33 -6.53 -4.65
C THR A 18 1.12 -5.70 -4.23
N CYS A 19 0.57 -5.99 -3.01
CA CYS A 19 -0.58 -5.20 -2.55
C CYS A 19 -0.27 -3.75 -2.30
N GLY A 20 0.94 -3.51 -1.73
CA GLY A 20 1.41 -2.18 -1.65
C GLY A 20 1.45 -1.44 -2.97
N MET A 21 1.95 -2.17 -3.96
N MET A 21 1.93 -2.17 -3.96
CA MET A 21 2.06 -1.51 -5.26
CA MET A 21 2.04 -1.50 -5.26
C MET A 21 0.67 -1.18 -5.85
C MET A 21 0.66 -1.18 -5.85
N ILE A 22 -0.32 -2.07 -5.64
CA ILE A 22 -1.70 -1.83 -6.08
C ILE A 22 -2.25 -0.54 -5.42
N MET A 23 -2.07 -0.45 -4.09
N MET A 23 -2.05 -0.44 -4.08
CA MET A 23 -2.50 0.78 -3.41
CA MET A 23 -2.46 0.80 -3.40
C MET A 23 -1.74 2.00 -3.87
C MET A 23 -1.74 2.01 -3.89
N CYS A 24 -0.44 1.88 -4.14
CA CYS A 24 0.32 3.04 -4.65
C CYS A 24 -0.15 3.48 -6.01
N LEU A 25 -0.55 2.52 -6.88
CA LEU A 25 -1.15 2.88 -8.16
C LEU A 25 -2.50 3.55 -8.04
N ALA A 26 -3.35 3.15 -7.03
CA ALA A 26 -4.65 3.75 -6.94
C ALA A 26 -4.56 5.18 -6.46
N ARG A 27 -3.56 5.38 -5.60
CA ARG A 27 -3.42 6.75 -4.93
C ARG A 27 -2.19 7.61 -5.22
N GLN A 28 -1.27 7.14 -6.05
CA GLN A 28 -0.04 7.84 -6.43
C GLN A 28 0.81 8.31 -5.26
N ILE A 29 0.90 7.44 -4.29
CA ILE A 29 1.57 7.84 -3.05
C ILE A 29 3.05 8.18 -3.29
N PRO A 30 3.79 7.43 -4.11
CA PRO A 30 5.17 7.76 -4.33
C PRO A 30 5.34 9.12 -5.03
N GLN A 31 4.49 9.40 -6.04
CA GLN A 31 4.55 10.65 -6.80
C GLN A 31 4.17 11.82 -5.91
N ALA A 32 3.20 11.56 -5.00
CA ALA A 32 2.72 12.63 -4.09
C ALA A 32 3.84 12.94 -3.12
N THR A 33 4.49 11.95 -2.62
CA THR A 33 5.65 12.16 -1.68
C THR A 33 6.74 12.99 -2.32
N ALA A 34 7.09 12.63 -3.58
CA ALA A 34 8.11 13.41 -4.30
C ALA A 34 7.72 14.86 -4.51
N SER A 35 6.45 15.09 -4.80
CA SER A 35 5.87 16.39 -4.96
C SER A 35 6.01 17.19 -3.68
N MET A 36 5.55 16.59 -2.56
CA MET A 36 5.66 17.28 -1.27
C MET A 36 7.12 17.63 -0.96
N LYS A 37 8.02 16.70 -1.20
CA LYS A 37 9.45 16.89 -0.95
C LYS A 37 10.07 17.96 -1.80
N ASP A 38 9.41 18.28 -2.92
CA ASP A 38 9.85 19.39 -3.76
C ASP A 38 9.12 20.71 -3.40
N GLY A 39 8.43 20.70 -2.25
CA GLY A 39 7.77 21.88 -1.76
C GLY A 39 6.42 22.22 -2.37
N LYS A 40 5.89 21.30 -3.19
CA LYS A 40 4.66 21.55 -3.84
C LYS A 40 3.47 20.98 -3.05
N TRP A 41 2.27 21.44 -3.40
CA TRP A 41 1.02 21.02 -2.78
C TRP A 41 -0.01 20.90 -3.88
N GLU A 42 -0.06 19.69 -4.45
CA GLU A 42 -0.66 19.51 -5.77
C GLU A 42 -1.82 18.59 -5.60
N ARG A 43 -2.94 19.09 -5.14
CA ARG A 43 -4.05 18.20 -4.80
C ARG A 43 -4.84 17.70 -6.02
N LYS A 44 -5.20 18.55 -6.94
CA LYS A 44 -5.79 18.09 -8.24
C LYS A 44 -4.96 16.99 -8.97
N LYS A 45 -3.66 17.21 -9.10
CA LYS A 45 -2.80 16.29 -9.80
C LYS A 45 -2.94 14.85 -9.29
N PHE A 46 -3.23 14.67 -8.00
CA PHE A 46 -3.15 13.35 -7.44
C PHE A 46 -4.49 12.81 -6.97
N MET A 47 -5.59 13.36 -7.49
CA MET A 47 -6.90 12.69 -7.50
C MET A 47 -6.72 11.21 -7.92
N GLY A 48 -7.25 10.32 -7.10
CA GLY A 48 -7.04 8.90 -7.29
C GLY A 48 -8.33 8.16 -7.42
N THR A 49 -8.21 6.82 -7.24
CA THR A 49 -9.39 5.96 -7.33
C THR A 49 -9.48 5.04 -6.12
N GLU A 50 -10.69 4.58 -5.87
CA GLU A 50 -10.92 3.60 -4.85
C GLU A 50 -10.74 2.22 -5.40
N LEU A 51 -10.19 1.31 -4.63
CA LEU A 51 -10.11 -0.13 -4.93
C LEU A 51 -11.41 -0.85 -4.77
N ASN A 52 -12.21 -0.43 -3.81
CA ASN A 52 -13.49 -1.11 -3.55
C ASN A 52 -14.38 -1.17 -4.79
N GLY A 53 -14.83 -2.38 -5.14
CA GLY A 53 -15.70 -2.53 -6.33
C GLY A 53 -14.92 -2.77 -7.63
N LYS A 54 -13.59 -2.62 -7.62
N LYS A 54 -13.59 -2.62 -7.62
CA LYS A 54 -12.80 -2.81 -8.87
CA LYS A 54 -12.80 -2.81 -8.87
C LYS A 54 -12.42 -4.24 -9.08
C LYS A 54 -12.42 -4.24 -9.08
N THR A 55 -12.10 -4.59 -10.35
CA THR A 55 -11.69 -5.94 -10.64
C THR A 55 -10.20 -6.04 -10.76
N LEU A 56 -9.63 -6.99 -10.03
CA LEU A 56 -8.27 -7.34 -10.03
C LEU A 56 -8.15 -8.72 -10.77
N GLY A 57 -7.38 -8.76 -11.82
CA GLY A 57 -7.05 -10.02 -12.52
C GLY A 57 -5.69 -10.50 -12.07
N ILE A 58 -5.63 -11.77 -11.68
CA ILE A 58 -4.43 -12.33 -11.06
C ILE A 58 -3.98 -13.46 -12.03
N LEU A 59 -2.86 -13.26 -12.69
CA LEU A 59 -2.36 -14.24 -13.64
C LEU A 59 -1.29 -15.04 -12.98
N GLY A 60 -1.59 -16.29 -12.59
CA GLY A 60 -0.69 -17.03 -11.71
C GLY A 60 -1.33 -17.20 -10.34
N LEU A 61 -1.80 -18.40 -10.02
CA LEU A 61 -2.63 -18.62 -8.82
C LEU A 61 -2.03 -19.60 -7.87
N GLY A 62 -0.71 -19.59 -7.81
CA GLY A 62 0.07 -20.23 -6.74
C GLY A 62 -0.04 -19.47 -5.42
N ARG A 63 0.86 -19.82 -4.50
N ARG A 63 0.86 -19.81 -4.49
CA ARG A 63 0.87 -19.31 -3.17
CA ARG A 63 0.82 -19.27 -3.15
C ARG A 63 0.77 -17.78 -3.17
C ARG A 63 0.74 -17.75 -3.18
N ILE A 64 1.63 -17.13 -3.96
CA ILE A 64 1.69 -15.65 -3.94
C ILE A 64 0.42 -15.09 -4.41
N GLY A 65 -0.01 -15.54 -5.58
CA GLY A 65 -1.23 -15.08 -6.15
C GLY A 65 -2.46 -15.22 -5.30
N ARG A 66 -2.55 -16.35 -4.57
CA ARG A 66 -3.60 -16.64 -3.55
C ARG A 66 -3.55 -15.65 -2.42
N GLU A 67 -2.35 -15.36 -1.94
N GLU A 67 -2.35 -15.36 -1.94
CA GLU A 67 -2.17 -14.41 -0.80
CA GLU A 67 -2.18 -14.42 -0.79
C GLU A 67 -2.56 -13.00 -1.20
C GLU A 67 -2.57 -13.00 -1.20
N VAL A 68 -2.25 -12.64 -2.42
CA VAL A 68 -2.66 -11.36 -2.94
C VAL A 68 -4.18 -11.30 -3.00
N ALA A 69 -4.80 -12.37 -3.53
CA ALA A 69 -6.20 -12.37 -3.69
C ALA A 69 -6.94 -12.17 -2.38
N THR A 70 -6.51 -12.88 -1.32
CA THR A 70 -7.34 -12.80 -0.11
C THR A 70 -7.14 -11.41 0.55
N ARG A 71 -5.95 -10.83 0.34
CA ARG A 71 -5.70 -9.44 0.91
C ARG A 71 -6.58 -8.44 0.20
N MET A 72 -6.53 -8.54 -1.15
CA MET A 72 -7.29 -7.57 -1.94
C MET A 72 -8.79 -7.77 -1.89
N GLN A 73 -9.28 -9.01 -1.62
CA GLN A 73 -10.71 -9.22 -1.32
C GLN A 73 -11.19 -8.42 -0.09
N SER A 74 -10.29 -8.21 0.87
CA SER A 74 -10.68 -7.41 2.12
C SER A 74 -10.94 -5.90 1.76
N PHE A 75 -10.41 -5.47 0.61
CA PHE A 75 -10.67 -4.13 0.12
C PHE A 75 -11.90 -4.05 -0.76
N GLY A 76 -12.64 -5.14 -0.88
CA GLY A 76 -13.79 -5.18 -1.76
C GLY A 76 -13.43 -5.33 -3.26
N MET A 77 -12.22 -5.74 -3.61
CA MET A 77 -11.94 -6.02 -5.07
C MET A 77 -12.56 -7.34 -5.47
N LYS A 78 -13.04 -7.42 -6.69
N LYS A 78 -13.04 -7.42 -6.69
CA LYS A 78 -13.46 -8.67 -7.32
CA LYS A 78 -13.45 -8.68 -7.29
C LYS A 78 -12.19 -9.31 -7.90
C LYS A 78 -12.18 -9.31 -7.88
N THR A 79 -11.93 -10.57 -7.56
CA THR A 79 -10.69 -11.24 -7.92
C THR A 79 -10.97 -12.35 -8.89
N ILE A 80 -10.47 -12.18 -10.10
CA ILE A 80 -10.59 -13.19 -11.16
C ILE A 80 -9.18 -13.56 -11.56
N GLY A 81 -9.00 -14.59 -12.35
CA GLY A 81 -7.66 -14.94 -12.72
C GLY A 81 -7.56 -16.14 -13.61
N TYR A 82 -6.33 -16.59 -13.80
CA TYR A 82 -6.05 -17.65 -14.75
C TYR A 82 -4.78 -18.29 -14.24
N ASP A 83 -4.77 -19.62 -14.32
CA ASP A 83 -3.62 -20.40 -14.06
C ASP A 83 -3.83 -21.73 -14.76
N PRO A 84 -2.91 -22.13 -15.64
CA PRO A 84 -3.26 -23.31 -16.40
C PRO A 84 -3.17 -24.59 -15.64
N ILE A 85 -2.56 -24.57 -14.47
CA ILE A 85 -2.22 -25.77 -13.75
C ILE A 85 -2.98 -25.86 -12.39
N ILE A 86 -3.46 -24.73 -11.86
CA ILE A 86 -4.33 -24.73 -10.68
C ILE A 86 -5.78 -24.97 -11.11
N SER A 87 -6.40 -25.98 -10.48
CA SER A 87 -7.79 -26.27 -10.83
C SER A 87 -8.69 -25.09 -10.41
N PRO A 88 -9.81 -24.90 -11.07
CA PRO A 88 -10.83 -23.96 -10.73
C PRO A 88 -11.39 -24.15 -9.30
N GLU A 89 -11.51 -25.39 -8.84
N GLU A 89 -11.50 -25.38 -8.84
CA GLU A 89 -12.02 -25.73 -7.54
CA GLU A 89 -12.01 -25.68 -7.52
C GLU A 89 -11.04 -25.22 -6.46
C GLU A 89 -11.04 -25.20 -6.46
N VAL A 90 -9.73 -25.34 -6.73
CA VAL A 90 -8.70 -24.87 -5.77
C VAL A 90 -8.73 -23.39 -5.72
N SER A 91 -8.75 -22.74 -6.88
CA SER A 91 -8.87 -21.28 -6.87
C SER A 91 -10.16 -20.76 -6.24
N ALA A 92 -11.29 -21.44 -6.48
CA ALA A 92 -12.59 -21.07 -5.86
C ALA A 92 -12.48 -21.08 -4.36
N SER A 93 -11.66 -21.99 -3.83
CA SER A 93 -11.53 -22.13 -2.37
C SER A 93 -10.91 -20.89 -1.77
N PHE A 94 -10.23 -20.08 -2.58
CA PHE A 94 -9.76 -18.80 -2.08
C PHE A 94 -10.36 -17.57 -2.83
N GLY A 95 -11.55 -17.76 -3.38
CA GLY A 95 -12.35 -16.67 -3.92
C GLY A 95 -11.93 -16.07 -5.25
N VAL A 96 -11.15 -16.84 -6.01
CA VAL A 96 -10.74 -16.40 -7.33
C VAL A 96 -11.46 -17.22 -8.40
N GLN A 97 -12.31 -16.52 -9.16
CA GLN A 97 -12.98 -17.04 -10.33
C GLN A 97 -11.99 -17.16 -11.46
N GLN A 98 -11.74 -18.39 -11.89
CA GLN A 98 -10.96 -18.62 -13.11
C GLN A 98 -11.77 -18.50 -14.41
N LEU A 99 -11.15 -17.78 -15.36
CA LEU A 99 -11.66 -17.52 -16.74
C LEU A 99 -10.52 -17.69 -17.75
N PRO A 100 -10.85 -18.10 -18.98
CA PRO A 100 -9.84 -18.03 -20.03
C PRO A 100 -9.21 -16.64 -20.18
N LEU A 101 -7.92 -16.55 -20.55
CA LEU A 101 -7.24 -15.27 -20.69
C LEU A 101 -7.99 -14.28 -21.48
N GLU A 102 -8.56 -14.71 -22.62
CA GLU A 102 -9.31 -13.78 -23.46
C GLU A 102 -10.49 -13.11 -22.76
N GLU A 103 -11.10 -13.78 -21.77
CA GLU A 103 -12.13 -13.17 -21.00
C GLU A 103 -11.63 -12.23 -19.86
N ILE A 104 -10.37 -12.39 -19.43
CA ILE A 104 -9.85 -11.61 -18.33
C ILE A 104 -9.56 -10.18 -18.77
N TRP A 105 -8.94 -10.00 -19.92
CA TRP A 105 -8.41 -8.69 -20.31
C TRP A 105 -9.44 -7.57 -20.23
N PRO A 106 -10.64 -7.75 -20.81
CA PRO A 106 -11.57 -6.61 -20.85
C PRO A 106 -12.21 -6.33 -19.52
N LEU A 107 -12.12 -7.29 -18.58
CA LEU A 107 -12.78 -7.05 -17.26
C LEU A 107 -11.95 -6.24 -16.27
N CYS A 108 -10.64 -6.25 -16.43
CA CYS A 108 -9.75 -5.85 -15.31
C CYS A 108 -9.54 -4.34 -15.19
N ASP A 109 -9.59 -3.83 -13.95
CA ASP A 109 -9.10 -2.45 -13.61
C ASP A 109 -7.64 -2.51 -13.23
N PHE A 110 -7.22 -3.64 -12.66
CA PHE A 110 -5.88 -3.88 -12.32
C PHE A 110 -5.48 -5.30 -12.73
N ILE A 111 -4.23 -5.46 -13.18
CA ILE A 111 -3.74 -6.85 -13.50
C ILE A 111 -2.41 -7.02 -12.85
N THR A 112 -2.22 -8.15 -12.16
CA THR A 112 -1.01 -8.46 -11.48
C THR A 112 -0.57 -9.85 -11.97
N VAL A 113 0.73 -10.01 -12.12
CA VAL A 113 1.31 -11.28 -12.57
C VAL A 113 2.12 -12.00 -11.54
N HIS A 114 1.89 -13.31 -11.44
CA HIS A 114 2.53 -14.15 -10.43
C HIS A 114 2.87 -15.56 -11.01
N THR A 115 3.68 -15.48 -12.04
CA THR A 115 4.05 -16.62 -12.89
C THR A 115 5.55 -16.71 -12.96
N PRO A 116 6.03 -17.88 -13.41
CA PRO A 116 7.46 -17.91 -13.80
C PRO A 116 7.62 -17.27 -15.15
N LEU A 117 8.91 -17.06 -15.50
CA LEU A 117 9.28 -16.56 -16.77
C LEU A 117 9.55 -17.84 -17.62
N LEU A 118 8.64 -18.03 -18.57
CA LEU A 118 8.66 -19.18 -19.52
C LEU A 118 8.36 -18.60 -20.86
N PRO A 119 8.66 -19.36 -21.95
CA PRO A 119 8.22 -18.83 -23.25
C PRO A 119 6.75 -18.43 -23.31
N SER A 120 5.85 -19.22 -22.73
CA SER A 120 4.46 -18.83 -22.67
C SER A 120 4.07 -17.61 -21.87
N THR A 121 4.95 -17.20 -20.94
CA THR A 121 4.65 -16.01 -20.15
C THR A 121 5.50 -14.78 -20.45
N THR A 122 6.49 -14.93 -21.32
CA THR A 122 7.31 -13.79 -21.74
C THR A 122 6.43 -12.95 -22.64
N GLY A 123 6.26 -11.69 -22.29
CA GLY A 123 5.32 -10.87 -22.97
C GLY A 123 3.88 -11.36 -22.95
N LEU A 124 3.50 -11.93 -21.82
CA LEU A 124 2.14 -12.21 -21.56
C LEU A 124 1.24 -10.98 -21.68
N LEU A 125 1.75 -9.84 -21.20
N LEU A 125 1.74 -9.84 -21.20
CA LEU A 125 1.19 -8.55 -21.47
CA LEU A 125 1.18 -8.54 -21.48
C LEU A 125 2.08 -7.96 -22.54
C LEU A 125 2.08 -7.96 -22.54
N ASN A 126 1.49 -7.85 -23.70
CA ASN A 126 2.22 -7.29 -24.89
C ASN A 126 1.21 -6.42 -25.65
N ASP A 127 1.55 -5.96 -26.88
CA ASP A 127 0.68 -5.04 -27.59
C ASP A 127 -0.67 -5.67 -27.85
N ASN A 128 -0.68 -6.97 -28.22
CA ASN A 128 -1.94 -7.67 -28.50
C ASN A 128 -2.90 -7.79 -27.25
N THR A 129 -2.28 -8.12 -26.12
CA THR A 129 -3.10 -8.23 -24.92
C THR A 129 -3.47 -6.85 -24.31
N PHE A 130 -2.56 -5.90 -24.36
CA PHE A 130 -2.96 -4.51 -23.99
C PHE A 130 -4.15 -4.04 -24.78
N ALA A 131 -4.19 -4.34 -26.10
CA ALA A 131 -5.23 -3.78 -26.90
C ALA A 131 -6.59 -4.38 -26.56
N GLN A 132 -6.59 -5.55 -25.87
CA GLN A 132 -7.83 -6.17 -25.38
C GLN A 132 -8.26 -5.77 -23.94
N CYS A 133 -7.39 -4.98 -23.31
CA CYS A 133 -7.68 -4.45 -21.93
C CYS A 133 -8.63 -3.30 -21.98
N LYS A 134 -9.27 -3.03 -20.82
CA LYS A 134 -10.08 -1.85 -20.65
C LYS A 134 -9.11 -0.70 -20.66
N LYS A 135 -9.51 0.38 -21.28
CA LYS A 135 -8.70 1.60 -21.32
C LYS A 135 -8.52 2.11 -19.88
N GLY A 136 -7.28 2.37 -19.54
CA GLY A 136 -6.90 2.85 -18.20
C GLY A 136 -6.54 1.75 -17.25
N VAL A 137 -6.33 0.51 -17.72
CA VAL A 137 -5.86 -0.57 -16.84
C VAL A 137 -4.57 -0.17 -16.12
N ARG A 138 -4.41 -0.66 -14.91
CA ARG A 138 -3.20 -0.47 -14.18
C ARG A 138 -2.55 -1.84 -13.97
N VAL A 139 -1.22 -1.90 -14.10
N VAL A 139 -1.22 -1.91 -14.10
CA VAL A 139 -0.50 -3.18 -14.14
CA VAL A 139 -0.54 -3.21 -14.07
C VAL A 139 0.61 -3.21 -13.07
C VAL A 139 0.59 -3.21 -13.05
N VAL A 140 0.77 -4.39 -12.46
CA VAL A 140 1.80 -4.67 -11.50
C VAL A 140 2.63 -5.90 -11.97
N ASN A 141 3.93 -5.78 -11.88
CA ASN A 141 4.81 -6.91 -12.03
C ASN A 141 5.84 -6.88 -10.88
N CYS A 142 5.56 -7.74 -9.93
CA CYS A 142 6.49 -8.07 -8.87
C CYS A 142 7.00 -9.51 -8.90
N ALA A 143 6.96 -10.12 -10.13
CA ALA A 143 7.26 -11.48 -10.32
C ALA A 143 8.62 -11.66 -11.02
N ARG A 144 8.66 -11.51 -12.33
CA ARG A 144 9.88 -11.74 -13.09
C ARG A 144 9.90 -10.73 -14.23
N GLY A 145 11.06 -10.14 -14.43
CA GLY A 145 11.23 -9.18 -15.48
C GLY A 145 11.04 -9.89 -16.85
N GLY A 146 10.20 -9.27 -17.65
CA GLY A 146 9.92 -9.78 -19.04
C GLY A 146 8.56 -10.36 -19.17
N ILE A 147 7.79 -10.56 -18.09
CA ILE A 147 6.45 -11.07 -18.22
C ILE A 147 5.61 -10.01 -18.91
N VAL A 148 5.82 -8.74 -18.53
CA VAL A 148 5.23 -7.61 -19.20
C VAL A 148 6.27 -7.12 -20.22
N ASP A 149 5.89 -7.08 -21.50
CA ASP A 149 6.81 -6.57 -22.56
C ASP A 149 6.98 -5.05 -22.30
N GLU A 150 8.23 -4.67 -22.10
CA GLU A 150 8.55 -3.31 -21.72
C GLU A 150 8.25 -2.27 -22.75
N GLY A 151 8.53 -2.64 -24.02
CA GLY A 151 8.12 -1.82 -25.12
C GLY A 151 6.64 -1.59 -25.19
N ALA A 152 5.87 -2.67 -25.03
CA ALA A 152 4.41 -2.58 -25.18
C ALA A 152 3.85 -1.77 -23.99
N LEU A 153 4.44 -1.95 -22.79
CA LEU A 153 4.00 -1.19 -21.67
C LEU A 153 4.23 0.30 -21.85
N LEU A 154 5.38 0.66 -22.40
CA LEU A 154 5.62 2.10 -22.62
C LEU A 154 4.63 2.66 -23.60
N ARG A 155 4.37 1.93 -24.73
CA ARG A 155 3.37 2.35 -25.69
C ARG A 155 1.97 2.45 -25.10
N ALA A 156 1.62 1.51 -24.22
CA ALA A 156 0.33 1.62 -23.55
C ALA A 156 0.25 2.81 -22.53
N LEU A 157 1.32 3.09 -21.85
CA LEU A 157 1.39 4.27 -20.98
C LEU A 157 1.30 5.57 -21.83
N GLN A 158 1.91 5.61 -23.00
CA GLN A 158 1.90 6.81 -23.80
C GLN A 158 0.54 7.11 -24.38
N SER A 159 -0.19 6.08 -24.81
CA SER A 159 -1.54 6.29 -25.29
C SER A 159 -2.61 6.51 -24.21
N GLY A 160 -2.33 6.12 -22.96
CA GLY A 160 -3.34 6.08 -21.92
C GLY A 160 -4.07 4.74 -21.82
N GLN A 161 -3.75 3.80 -22.69
CA GLN A 161 -4.37 2.49 -22.64
C GLN A 161 -4.08 1.89 -21.21
N CYS A 162 -2.85 2.11 -20.75
CA CYS A 162 -2.40 1.79 -19.39
C CYS A 162 -2.26 3.14 -18.62
N ALA A 163 -2.97 3.25 -17.49
CA ALA A 163 -2.95 4.46 -16.69
C ALA A 163 -1.81 4.52 -15.69
N GLY A 164 -1.12 3.40 -15.49
CA GLY A 164 -0.05 3.30 -14.51
C GLY A 164 0.48 1.92 -14.37
N ALA A 165 1.75 1.80 -14.02
CA ALA A 165 2.35 0.52 -13.83
C ALA A 165 3.29 0.58 -12.59
N ALA A 166 3.43 -0.54 -11.89
CA ALA A 166 4.30 -0.66 -10.74
C ALA A 166 5.23 -1.88 -11.04
N LEU A 167 6.53 -1.65 -11.11
CA LEU A 167 7.45 -2.68 -11.48
C LEU A 167 8.52 -2.87 -10.40
N ASP A 168 8.64 -4.07 -9.91
CA ASP A 168 9.71 -4.45 -9.00
C ASP A 168 10.86 -5.12 -9.76
N VAL A 169 10.57 -5.52 -11.02
CA VAL A 169 11.47 -6.35 -11.75
C VAL A 169 11.49 -5.81 -13.24
N PHE A 170 12.62 -6.06 -13.89
CA PHE A 170 12.88 -5.56 -15.23
C PHE A 170 13.56 -6.63 -16.05
N THR A 171 13.40 -6.50 -17.38
CA THR A 171 13.98 -7.43 -18.36
C THR A 171 15.46 -7.49 -18.22
N GLU A 172 16.05 -6.34 -17.92
CA GLU A 172 17.47 -6.21 -17.51
C GLU A 172 17.50 -5.43 -16.18
N GLU A 173 18.36 -5.86 -15.26
CA GLU A 173 18.46 -5.29 -13.93
C GLU A 173 19.91 -4.89 -13.57
N PRO A 174 20.20 -3.61 -13.28
CA PRO A 174 19.28 -2.48 -13.37
C PRO A 174 18.96 -2.16 -14.83
N PRO A 175 17.77 -1.58 -15.09
CA PRO A 175 17.30 -1.32 -16.46
C PRO A 175 18.20 -0.27 -17.11
N ARG A 176 18.72 -0.53 -18.32
CA ARG A 176 19.49 0.50 -19.02
C ARG A 176 18.62 1.51 -19.80
N ASP A 177 17.49 1.03 -20.33
CA ASP A 177 16.48 1.90 -20.89
C ASP A 177 15.63 2.42 -19.72
N ARG A 178 15.67 3.72 -19.52
CA ARG A 178 15.06 4.43 -18.37
C ARG A 178 13.67 5.06 -18.70
N ALA A 179 13.15 4.83 -19.91
CA ALA A 179 11.88 5.46 -20.27
C ALA A 179 10.70 4.98 -19.36
N LEU A 180 10.68 3.71 -18.98
CA LEU A 180 9.62 3.22 -18.06
C LEU A 180 9.84 3.80 -16.69
N VAL A 181 11.04 3.63 -16.13
CA VAL A 181 11.30 4.15 -14.75
C VAL A 181 11.04 5.64 -14.63
N ASP A 182 11.45 6.40 -15.63
CA ASP A 182 11.19 7.85 -15.72
C ASP A 182 9.76 8.30 -16.01
N HIS A 183 8.88 7.42 -16.50
CA HIS A 183 7.51 7.83 -16.73
C HIS A 183 6.79 8.25 -15.40
N GLU A 184 6.02 9.35 -15.46
CA GLU A 184 5.30 9.89 -14.31
C GLU A 184 4.32 8.89 -13.69
N ASN A 185 3.76 7.97 -14.46
CA ASN A 185 2.78 7.00 -13.97
C ASN A 185 3.37 5.65 -13.68
N VAL A 186 4.70 5.58 -13.59
CA VAL A 186 5.36 4.35 -13.24
C VAL A 186 6.00 4.49 -11.88
N ILE A 187 5.71 3.52 -11.01
CA ILE A 187 6.33 3.35 -9.73
C ILE A 187 7.22 2.14 -9.77
N SER A 188 8.36 2.22 -9.14
CA SER A 188 9.35 1.19 -9.24
C SER A 188 10.17 0.99 -7.95
N CYS A 189 10.77 -0.17 -7.88
CA CYS A 189 11.61 -0.62 -6.76
C CYS A 189 12.73 -1.47 -7.34
N PRO A 190 13.89 -1.55 -6.68
CA PRO A 190 15.02 -2.29 -7.17
C PRO A 190 14.92 -3.75 -6.74
N HIS A 191 13.92 -4.44 -7.28
CA HIS A 191 13.71 -5.83 -6.96
C HIS A 191 13.76 -6.09 -5.43
N LEU A 192 12.81 -5.48 -4.78
CA LEU A 192 12.58 -5.69 -3.33
C LEU A 192 11.56 -6.74 -2.82
N GLY A 193 10.93 -7.54 -3.69
CA GLY A 193 9.87 -8.45 -3.31
C GLY A 193 10.18 -9.44 -2.16
N ALA A 194 11.40 -9.91 -2.07
CA ALA A 194 11.86 -10.79 -0.99
C ALA A 194 12.73 -10.05 0.05
N SER A 195 12.94 -8.74 -0.11
CA SER A 195 13.75 -7.95 0.81
C SER A 195 12.99 -7.55 2.07
N THR A 196 12.78 -8.54 2.94
CA THR A 196 12.40 -8.23 4.28
C THR A 196 13.26 -8.95 5.32
N LYS A 197 13.28 -8.43 6.54
CA LYS A 197 14.04 -9.13 7.55
C LYS A 197 13.48 -10.56 7.77
N GLU A 198 12.15 -10.70 7.72
CA GLU A 198 11.48 -11.96 7.97
C GLU A 198 11.76 -13.04 6.87
N ALA A 199 11.58 -12.68 5.61
CA ALA A 199 11.91 -13.59 4.51
C ALA A 199 13.40 -13.98 4.57
N GLN A 200 14.25 -12.99 4.86
CA GLN A 200 15.72 -13.24 4.86
C GLN A 200 16.13 -14.17 6.00
N SER A 201 15.38 -14.18 7.10
CA SER A 201 15.84 -14.68 8.38
C SER A 201 14.88 -15.78 8.76
N ARG A 202 15.13 -16.96 8.22
CA ARG A 202 14.26 -18.12 8.46
C ARG A 202 14.59 -18.77 9.83
N ASN B 8 -17.66 9.45 5.49
CA ASN B 8 -18.94 8.64 5.50
C ASN B 8 -19.14 7.96 4.09
N GLY B 9 -19.69 8.74 3.16
CA GLY B 9 -19.42 8.58 1.75
C GLY B 9 -17.93 8.57 1.49
N ASN B 10 -17.06 9.25 2.26
CA ASN B 10 -15.56 9.14 2.06
C ASN B 10 -14.75 8.20 3.03
N SER B 11 -15.47 7.37 3.82
CA SER B 11 -14.80 6.55 4.78
C SER B 11 -13.83 5.55 4.15
N LEU B 12 -14.29 4.85 3.10
CA LEU B 12 -13.44 3.90 2.42
C LEU B 12 -12.26 4.55 1.69
N SER B 13 -12.42 5.76 1.15
CA SER B 13 -11.26 6.43 0.54
C SER B 13 -10.14 6.67 1.57
N ALA B 14 -10.60 7.20 2.72
CA ALA B 14 -9.71 7.42 3.84
C ALA B 14 -9.02 6.17 4.36
N ALA B 15 -9.79 5.13 4.54
CA ALA B 15 -9.28 3.89 5.02
C ALA B 15 -8.30 3.28 4.04
N GLU B 16 -8.61 3.45 2.74
CA GLU B 16 -7.70 2.84 1.76
C GLU B 16 -6.34 3.59 1.68
N LEU B 17 -6.37 4.94 1.78
CA LEU B 17 -5.14 5.71 1.81
C LEU B 17 -4.30 5.33 3.04
N THR B 18 -4.99 5.19 4.20
CA THR B 18 -4.28 4.77 5.41
C THR B 18 -3.54 3.43 5.27
N CYS B 19 -4.27 2.46 4.66
CA CYS B 19 -3.66 1.12 4.43
C CYS B 19 -2.46 1.19 3.45
N GLY B 20 -2.65 2.04 2.41
CA GLY B 20 -1.57 2.33 1.54
C GLY B 20 -0.34 2.88 2.23
N MET B 21 -0.58 3.82 3.14
N MET B 21 -0.55 3.84 3.15
CA MET B 21 0.49 4.38 3.84
CA MET B 21 0.55 4.38 3.86
C MET B 21 1.26 3.41 4.74
C MET B 21 1.30 3.41 4.75
N ILE B 22 0.51 2.51 5.39
CA ILE B 22 1.10 1.46 6.19
C ILE B 22 2.02 0.56 5.33
N MET B 23 1.50 0.13 4.17
N MET B 23 1.50 0.11 4.17
CA MET B 23 2.33 -0.67 3.26
CA MET B 23 2.35 -0.64 3.22
C MET B 23 3.55 0.10 2.75
C MET B 23 3.57 0.12 2.79
N CYS B 24 3.37 1.39 2.47
CA CYS B 24 4.49 2.22 2.03
C CYS B 24 5.57 2.39 3.08
N LEU B 25 5.15 2.44 4.35
CA LEU B 25 6.11 2.46 5.44
C LEU B 25 6.84 1.15 5.66
N ALA B 26 6.13 0.01 5.49
CA ALA B 26 6.79 -1.24 5.68
C ALA B 26 7.90 -1.50 4.62
N ARG B 27 7.57 -1.05 3.41
CA ARG B 27 8.49 -1.32 2.26
C ARG B 27 9.24 -0.18 1.64
N GLN B 28 9.06 1.03 2.14
CA GLN B 28 9.73 2.24 1.59
C GLN B 28 9.53 2.42 0.08
N ILE B 29 8.31 2.19 -0.34
CA ILE B 29 8.02 2.23 -1.75
C ILE B 29 8.21 3.65 -2.34
N PRO B 30 7.76 4.73 -1.63
CA PRO B 30 8.01 6.06 -2.20
C PRO B 30 9.52 6.39 -2.30
N GLN B 31 10.33 6.00 -1.30
CA GLN B 31 11.74 6.26 -1.28
C GLN B 31 12.48 5.43 -2.42
N ALA B 32 11.99 4.20 -2.58
CA ALA B 32 12.62 3.28 -3.59
C ALA B 32 12.32 3.84 -4.98
N THR B 33 11.08 4.30 -5.19
CA THR B 33 10.74 4.95 -6.49
C THR B 33 11.60 6.18 -6.74
N ALA B 34 11.76 7.04 -5.72
CA ALA B 34 12.63 8.22 -5.91
C ALA B 34 14.07 7.85 -6.26
N SER B 35 14.58 6.80 -5.62
CA SER B 35 15.90 6.30 -5.82
C SER B 35 16.04 5.79 -7.29
N MET B 36 15.06 5.03 -7.76
CA MET B 36 15.07 4.53 -9.17
C MET B 36 15.06 5.74 -10.13
N LYS B 37 14.19 6.71 -9.86
CA LYS B 37 14.09 7.90 -10.69
C LYS B 37 15.33 8.75 -10.74
N ASP B 38 16.16 8.60 -9.73
CA ASP B 38 17.46 9.28 -9.67
C ASP B 38 18.59 8.41 -10.27
N GLY B 39 18.21 7.33 -10.90
CA GLY B 39 19.16 6.53 -11.63
C GLY B 39 19.86 5.49 -10.79
N LYS B 40 19.43 5.31 -9.54
CA LYS B 40 20.13 4.41 -8.65
C LYS B 40 19.47 3.05 -8.57
N TRP B 41 20.25 2.07 -8.12
CA TRP B 41 19.78 0.69 -7.87
C TRP B 41 20.32 0.28 -6.51
N GLU B 42 19.53 0.56 -5.48
CA GLU B 42 20.00 0.52 -4.07
C GLU B 42 19.27 -0.53 -3.30
N ARG B 43 19.66 -1.78 -3.44
CA ARG B 43 18.86 -2.84 -2.76
C ARG B 43 19.05 -2.95 -1.27
N LYS B 44 20.28 -2.94 -0.80
CA LYS B 44 20.53 -2.91 0.66
C LYS B 44 19.77 -1.77 1.42
N LYS B 45 19.83 -0.56 0.87
CA LYS B 45 19.17 0.58 1.51
C LYS B 45 17.68 0.34 1.85
N PHE B 46 16.97 -0.51 1.10
CA PHE B 46 15.51 -0.57 1.23
C PHE B 46 14.99 -1.92 1.69
N MET B 47 15.86 -2.68 2.38
CA MET B 47 15.38 -3.77 3.27
C MET B 47 14.20 -3.33 4.19
N GLY B 48 13.10 -4.07 4.15
CA GLY B 48 11.87 -3.71 4.77
C GLY B 48 11.38 -4.74 5.76
N THR B 49 10.11 -4.61 6.12
CA THR B 49 9.49 -5.56 7.07
C THR B 49 8.16 -6.06 6.57
N GLU B 50 7.86 -7.28 6.99
CA GLU B 50 6.58 -7.91 6.72
C GLU B 50 5.56 -7.41 7.71
N LEU B 51 4.36 -7.19 7.29
CA LEU B 51 3.23 -6.82 8.11
C LEU B 51 2.69 -8.04 8.93
N ASN B 52 2.69 -9.22 8.34
CA ASN B 52 2.14 -10.39 8.99
C ASN B 52 2.79 -10.62 10.37
N GLY B 53 1.95 -10.76 11.39
CA GLY B 53 2.43 -10.94 12.75
C GLY B 53 2.72 -9.68 13.52
N LYS B 54 2.69 -8.52 12.87
N LYS B 54 2.77 -8.53 12.86
CA LYS B 54 2.95 -7.24 13.55
CA LYS B 54 2.94 -7.22 13.49
C LYS B 54 1.70 -6.69 14.21
C LYS B 54 1.68 -6.64 14.18
N THR B 55 1.91 -5.82 15.21
CA THR B 55 0.80 -5.21 15.85
C THR B 55 0.55 -3.80 15.33
N LEU B 56 -0.71 -3.55 14.99
CA LEU B 56 -1.21 -2.28 14.54
C LEU B 56 -2.11 -1.75 15.64
N GLY B 57 -1.77 -0.59 16.19
CA GLY B 57 -2.66 0.09 17.13
C GLY B 57 -3.45 1.17 16.42
N ILE B 58 -4.74 1.15 16.61
CA ILE B 58 -5.69 1.98 15.98
C ILE B 58 -6.38 2.87 17.01
N LEU B 59 -6.08 4.14 16.99
CA LEU B 59 -6.62 5.08 18.01
C LEU B 59 -7.80 5.80 17.39
N GLY B 60 -9.01 5.41 17.76
CA GLY B 60 -10.19 5.91 17.05
C GLY B 60 -10.82 4.77 16.35
N LEU B 61 -11.92 4.23 16.89
CA LEU B 61 -12.49 3.01 16.36
C LEU B 61 -13.85 3.18 15.71
N GLY B 62 -14.09 4.37 15.18
CA GLY B 62 -15.19 4.69 14.35
C GLY B 62 -15.08 4.02 12.96
N ARG B 63 -15.93 4.45 12.07
CA ARG B 63 -16.11 3.79 10.74
C ARG B 63 -14.74 3.63 10.01
N ILE B 64 -13.96 4.73 9.95
CA ILE B 64 -12.65 4.67 9.24
C ILE B 64 -11.70 3.70 9.93
N GLY B 65 -11.53 3.87 11.28
CA GLY B 65 -10.71 2.96 12.00
C GLY B 65 -11.09 1.48 11.84
N ARG B 66 -12.40 1.17 11.88
N ARG B 66 -12.39 1.16 11.90
CA ARG B 66 -12.97 -0.18 11.67
CA ARG B 66 -12.85 -0.22 11.75
C ARG B 66 -12.58 -0.73 10.31
C ARG B 66 -12.50 -0.73 10.34
N GLU B 67 -12.68 0.11 9.29
N GLU B 67 -12.68 0.13 9.34
CA GLU B 67 -12.35 -0.30 7.93
CA GLU B 67 -12.38 -0.30 7.99
C GLU B 67 -10.86 -0.59 7.73
C GLU B 67 -10.90 -0.59 7.76
N VAL B 68 -10.03 0.24 8.36
CA VAL B 68 -8.63 0.00 8.42
C VAL B 68 -8.37 -1.37 9.04
N ALA B 69 -8.98 -1.60 10.23
CA ALA B 69 -8.76 -2.81 10.94
C ALA B 69 -9.03 -4.05 10.13
N THR B 70 -10.19 -4.11 9.46
CA THR B 70 -10.53 -5.39 8.80
C THR B 70 -9.63 -5.61 7.59
N ARG B 71 -9.23 -4.52 6.95
CA ARG B 71 -8.25 -4.71 5.84
C ARG B 71 -6.94 -5.21 6.34
N MET B 72 -6.41 -4.56 7.40
CA MET B 72 -5.09 -4.95 7.88
C MET B 72 -5.07 -6.33 8.60
N GLN B 73 -6.24 -6.75 9.13
CA GLN B 73 -6.41 -8.14 9.61
C GLN B 73 -6.11 -9.18 8.50
N SER B 74 -6.46 -8.86 7.25
CA SER B 74 -6.19 -9.80 6.15
C SER B 74 -4.71 -10.03 5.89
N PHE B 75 -3.89 -9.05 6.26
CA PHE B 75 -2.44 -9.14 6.18
C PHE B 75 -1.82 -9.85 7.40
N GLY B 76 -2.66 -10.40 8.28
CA GLY B 76 -2.18 -11.02 9.51
C GLY B 76 -1.72 -10.09 10.59
N MET B 77 -2.07 -8.82 10.50
CA MET B 77 -1.68 -7.91 11.62
C MET B 77 -2.60 -8.16 12.79
N LYS B 78 -2.04 -8.03 13.99
N LYS B 78 -2.03 -8.03 14.00
CA LYS B 78 -2.82 -8.03 15.22
CA LYS B 78 -2.77 -8.07 15.27
C LYS B 78 -3.29 -6.61 15.40
C LYS B 78 -3.28 -6.64 15.46
N THR B 79 -4.60 -6.46 15.52
CA THR B 79 -5.18 -5.14 15.57
C THR B 79 -5.67 -4.93 17.01
N ILE B 80 -5.02 -3.94 17.65
CA ILE B 80 -5.49 -3.48 18.99
C ILE B 80 -5.90 -2.06 18.87
N GLY B 81 -6.43 -1.46 19.95
CA GLY B 81 -6.74 -0.04 19.81
C GLY B 81 -7.48 0.50 20.98
N TYR B 82 -8.01 1.70 20.83
CA TYR B 82 -8.58 2.45 21.94
C TYR B 82 -9.59 3.38 21.33
N ASP B 83 -10.70 3.51 22.01
CA ASP B 83 -11.74 4.42 21.72
C ASP B 83 -12.52 4.72 22.97
N PRO B 84 -12.64 6.05 23.31
CA PRO B 84 -13.30 6.29 24.61
C PRO B 84 -14.74 5.94 24.65
N ILE B 85 -15.42 5.70 23.53
CA ILE B 85 -16.87 5.42 23.56
C ILE B 85 -17.17 3.91 23.30
N ILE B 86 -16.46 3.31 22.36
CA ILE B 86 -16.85 1.98 21.88
C ILE B 86 -16.44 0.93 22.95
N SER B 87 -17.36 0.05 23.31
CA SER B 87 -17.05 -0.97 24.31
C SER B 87 -16.13 -2.06 23.73
N PRO B 88 -15.34 -2.70 24.59
CA PRO B 88 -14.39 -3.75 24.18
C PRO B 88 -15.07 -4.93 23.52
N GLU B 89 -16.29 -5.29 23.94
N GLU B 89 -16.27 -5.32 23.97
CA GLU B 89 -17.04 -6.41 23.29
CA GLU B 89 -17.02 -6.40 23.34
C GLU B 89 -17.44 -6.04 21.86
C GLU B 89 -17.40 -6.02 21.90
N VAL B 90 -17.80 -4.77 21.67
CA VAL B 90 -18.20 -4.31 20.35
C VAL B 90 -16.94 -4.28 19.44
N SER B 91 -15.82 -3.77 19.93
CA SER B 91 -14.64 -3.72 19.08
C SER B 91 -14.15 -5.14 18.79
N ALA B 92 -14.33 -6.05 19.75
CA ALA B 92 -13.92 -7.45 19.56
C ALA B 92 -14.68 -8.05 18.39
N SER B 93 -15.88 -7.54 18.14
CA SER B 93 -16.74 -8.09 17.08
C SER B 93 -16.23 -7.69 15.71
N PHE B 94 -15.34 -6.69 15.64
CA PHE B 94 -14.62 -6.45 14.39
C PHE B 94 -13.11 -6.60 14.54
N GLY B 95 -12.71 -7.48 15.47
CA GLY B 95 -11.40 -7.96 15.60
C GLY B 95 -10.38 -7.05 16.19
N VAL B 96 -10.85 -5.98 16.86
CA VAL B 96 -9.92 -5.05 17.55
C VAL B 96 -9.98 -5.25 19.08
N GLN B 97 -8.85 -5.62 19.63
CA GLN B 97 -8.72 -5.69 21.08
C GLN B 97 -8.46 -4.34 21.70
N GLN B 98 -9.40 -3.95 22.55
CA GLN B 98 -9.25 -2.72 23.27
C GLN B 98 -8.45 -2.86 24.50
N LEU B 99 -7.55 -1.89 24.68
CA LEU B 99 -6.72 -1.74 25.84
C LEU B 99 -6.61 -0.24 26.22
N PRO B 100 -6.39 0.02 27.51
CA PRO B 100 -6.13 1.41 27.89
C PRO B 100 -4.95 1.97 27.09
N LEU B 101 -4.94 3.27 26.79
CA LEU B 101 -3.80 3.84 26.03
C LEU B 101 -2.45 3.45 26.51
N GLU B 102 -2.26 3.47 27.85
CA GLU B 102 -0.92 3.21 28.42
C GLU B 102 -0.43 1.81 28.05
N GLU B 103 -1.37 0.89 27.85
CA GLU B 103 -1.00 -0.45 27.38
C GLU B 103 -0.72 -0.58 25.87
N ILE B 104 -1.27 0.35 25.09
CA ILE B 104 -1.10 0.32 23.64
C ILE B 104 0.30 0.67 23.24
N TRP B 105 0.84 1.74 23.79
CA TRP B 105 2.13 2.25 23.29
C TRP B 105 3.24 1.25 23.17
N PRO B 106 3.51 0.47 24.24
CA PRO B 106 4.67 -0.46 24.12
C PRO B 106 4.44 -1.69 23.18
N LEU B 107 3.21 -1.92 22.81
CA LEU B 107 2.90 -3.15 21.97
C LEU B 107 2.98 -2.92 20.45
N CYS B 108 2.87 -1.64 20.03
CA CYS B 108 2.63 -1.41 18.60
C CYS B 108 3.91 -1.39 17.76
N ASP B 109 3.82 -2.03 16.62
CA ASP B 109 4.80 -1.84 15.56
C ASP B 109 4.38 -0.67 14.68
N PHE B 110 3.07 -0.53 14.50
CA PHE B 110 2.48 0.60 13.78
C PHE B 110 1.38 1.25 14.57
N ILE B 111 1.25 2.60 14.47
CA ILE B 111 0.10 3.29 15.09
C ILE B 111 -0.55 4.13 14.05
N THR B 112 -1.86 4.11 13.98
CA THR B 112 -2.62 4.92 13.12
C THR B 112 -3.69 5.64 13.90
N VAL B 113 -3.92 6.91 13.60
CA VAL B 113 -4.94 7.70 14.27
C VAL B 113 -6.17 8.00 13.47
N HIS B 114 -7.35 7.86 14.06
CA HIS B 114 -8.65 8.05 13.39
C HIS B 114 -9.70 8.72 14.29
N THR B 115 -9.27 9.85 14.81
CA THR B 115 -9.98 10.64 15.85
C THR B 115 -10.30 11.99 15.27
N PRO B 116 -11.25 12.67 15.92
CA PRO B 116 -11.29 14.09 15.67
C PRO B 116 -10.16 14.84 16.38
N LEU B 117 -10.06 16.14 16.06
CA LEU B 117 -9.06 17.04 16.65
C LEU B 117 -9.78 17.78 17.77
N LEU B 118 -9.39 17.41 18.98
CA LEU B 118 -10.02 17.92 20.18
C LEU B 118 -8.90 18.26 21.08
N PRO B 119 -9.22 19.02 22.17
CA PRO B 119 -8.10 19.17 23.12
C PRO B 119 -7.50 17.81 23.61
N SER B 120 -8.32 16.79 23.89
CA SER B 120 -7.79 15.53 24.30
C SER B 120 -6.96 14.76 23.28
N THR B 121 -7.14 15.10 22.01
CA THR B 121 -6.39 14.40 20.93
C THR B 121 -5.31 15.23 20.27
N THR B 122 -5.21 16.51 20.61
CA THR B 122 -4.14 17.34 20.06
C THR B 122 -2.86 17.01 20.76
N GLY B 123 -1.88 16.56 20.03
CA GLY B 123 -0.68 15.99 20.59
C GLY B 123 -0.89 14.69 21.38
N LEU B 124 -1.88 13.92 20.98
CA LEU B 124 -2.11 12.57 21.48
C LEU B 124 -0.83 11.75 21.42
N LEU B 125 -0.06 11.87 20.31
N LEU B 125 -0.09 11.86 20.30
CA LEU B 125 1.30 11.39 20.22
CA LEU B 125 1.27 11.42 20.27
C LEU B 125 2.22 12.57 20.40
C LEU B 125 2.15 12.64 20.48
N ASN B 126 3.03 12.50 21.47
CA ASN B 126 3.92 13.62 21.89
C ASN B 126 5.18 13.02 22.50
N ASP B 127 6.07 13.81 23.08
CA ASP B 127 7.38 13.28 23.51
C ASP B 127 7.16 12.16 24.53
N ASN B 128 6.17 12.32 25.45
N ASN B 128 6.19 12.30 25.40
CA ASN B 128 5.79 11.35 26.57
CA ASN B 128 6.04 11.34 26.44
C ASN B 128 5.29 10.00 26.03
C ASN B 128 5.44 9.99 25.91
N THR B 129 4.43 10.06 25.04
CA THR B 129 3.88 8.86 24.46
C THR B 129 4.84 8.18 23.49
N PHE B 130 5.63 8.96 22.71
CA PHE B 130 6.75 8.33 21.96
C PHE B 130 7.75 7.62 22.79
N ALA B 131 8.09 8.16 23.97
CA ALA B 131 9.03 7.49 24.81
C ALA B 131 8.50 6.16 25.36
N GLN B 132 7.17 5.96 25.37
CA GLN B 132 6.61 4.70 25.84
C GLN B 132 6.40 3.66 24.77
N CYS B 133 6.65 4.10 23.53
CA CYS B 133 6.52 3.22 22.36
C CYS B 133 7.72 2.30 22.28
N LYS B 134 7.55 1.23 21.46
CA LYS B 134 8.63 0.33 21.13
C LYS B 134 9.56 1.10 20.18
N LYS B 135 10.88 0.98 20.40
CA LYS B 135 11.82 1.64 19.57
C LYS B 135 11.59 1.11 18.15
N GLY B 136 11.47 2.07 17.25
CA GLY B 136 11.27 1.81 15.83
C GLY B 136 9.82 1.81 15.37
N VAL B 137 8.88 2.27 16.20
CA VAL B 137 7.49 2.34 15.84
C VAL B 137 7.35 3.18 14.55
N ARG B 138 6.34 2.85 13.79
CA ARG B 138 6.00 3.56 12.55
C ARG B 138 4.63 4.18 12.77
N VAL B 139 4.44 5.43 12.37
CA VAL B 139 3.19 6.20 12.69
C VAL B 139 2.53 6.70 11.41
N VAL B 140 1.22 6.65 11.35
CA VAL B 140 0.39 7.16 10.26
C VAL B 140 -0.60 8.18 10.79
N ASN B 141 -0.67 9.34 10.16
CA ASN B 141 -1.74 10.27 10.37
C ASN B 141 -2.41 10.67 9.01
N CYS B 142 -3.54 10.06 8.78
CA CYS B 142 -4.41 10.40 7.75
C CYS B 142 -5.75 11.01 8.21
N ALA B 143 -5.78 11.56 9.43
CA ALA B 143 -6.97 11.99 10.05
C ALA B 143 -7.03 13.54 10.14
N ARG B 144 -6.31 14.11 11.09
CA ARG B 144 -6.36 15.56 11.27
C ARG B 144 -4.98 16.00 11.65
N GLY B 145 -4.56 17.12 11.09
CA GLY B 145 -3.25 17.64 11.41
C GLY B 145 -3.24 18.12 12.90
N GLY B 146 -2.19 17.70 13.57
CA GLY B 146 -2.02 18.09 15.01
C GLY B 146 -2.29 16.95 15.96
N ILE B 147 -2.88 15.83 15.57
CA ILE B 147 -3.11 14.73 16.46
C ILE B 147 -1.76 14.19 16.91
N VAL B 148 -0.84 14.08 15.96
CA VAL B 148 0.55 13.81 16.21
C VAL B 148 1.32 15.11 16.34
N ASP B 149 1.95 15.34 17.51
CA ASP B 149 2.68 16.59 17.67
C ASP B 149 3.86 16.53 16.72
N GLU B 150 3.95 17.52 15.83
CA GLU B 150 4.92 17.50 14.77
C GLU B 150 6.32 17.67 15.25
N GLY B 151 6.51 18.54 16.26
CA GLY B 151 7.80 18.65 16.94
C GLY B 151 8.29 17.36 17.56
N ALA B 152 7.40 16.70 18.28
CA ALA B 152 7.78 15.46 18.91
C ALA B 152 8.08 14.35 17.85
N LEU B 153 7.24 14.29 16.85
CA LEU B 153 7.51 13.38 15.76
C LEU B 153 8.86 13.58 15.13
N LEU B 154 9.21 14.82 14.86
CA LEU B 154 10.55 15.04 14.28
C LEU B 154 11.70 14.57 15.21
N ARG B 155 11.57 14.90 16.48
CA ARG B 155 12.58 14.43 17.47
C ARG B 155 12.66 12.90 17.52
N ALA B 156 11.52 12.24 17.46
CA ALA B 156 11.50 10.77 17.49
C ALA B 156 12.08 10.18 16.18
N LEU B 157 11.81 10.80 15.03
CA LEU B 157 12.52 10.38 13.80
C LEU B 157 14.02 10.57 13.84
N GLN B 158 14.46 11.66 14.48
CA GLN B 158 15.90 11.96 14.55
C GLN B 158 16.65 10.98 15.44
N SER B 159 16.00 10.53 16.53
CA SER B 159 16.61 9.58 17.43
C SER B 159 16.52 8.11 17.01
N GLY B 160 15.60 7.82 16.09
CA GLY B 160 15.27 6.45 15.72
C GLY B 160 14.21 5.85 16.58
N GLN B 161 13.70 6.60 17.53
CA GLN B 161 12.61 6.10 18.31
C GLN B 161 11.37 5.78 17.42
N CYS B 162 11.14 6.64 16.44
CA CYS B 162 10.19 6.42 15.32
C CYS B 162 11.04 6.09 14.09
N ALA B 163 10.76 4.93 13.47
CA ALA B 163 11.49 4.48 12.27
C ALA B 163 10.91 5.07 10.96
N GLY B 164 9.72 5.65 11.01
CA GLY B 164 9.05 6.19 9.80
C GLY B 164 7.68 6.76 10.13
N ALA B 165 7.23 7.77 9.40
CA ALA B 165 5.91 8.32 9.56
C ALA B 165 5.32 8.58 8.17
N ALA B 166 4.04 8.51 8.08
CA ALA B 166 3.27 8.79 6.83
C ALA B 166 2.21 9.81 7.18
N LEU B 167 2.29 10.98 6.58
CA LEU B 167 1.41 12.09 6.91
C LEU B 167 0.58 12.58 5.73
N ASP B 168 -0.74 12.50 5.80
CA ASP B 168 -1.66 13.12 4.83
C ASP B 168 -2.06 14.56 5.24
N VAL B 169 -1.84 14.88 6.54
CA VAL B 169 -2.39 16.08 7.11
C VAL B 169 -1.32 16.73 8.01
N PHE B 170 -1.42 18.07 8.12
CA PHE B 170 -0.46 18.90 8.82
C PHE B 170 -1.13 20.00 9.57
N THR B 171 -0.47 20.43 10.65
CA THR B 171 -0.97 21.50 11.51
C THR B 171 -1.27 22.75 10.71
N GLU B 172 -0.43 23.07 9.75
CA GLU B 172 -0.72 24.09 8.76
C GLU B 172 -0.64 23.45 7.38
N GLU B 173 -1.57 23.81 6.47
CA GLU B 173 -1.63 23.21 5.11
C GLU B 173 -1.73 24.27 4.01
N PRO B 174 -0.80 24.33 3.05
CA PRO B 174 0.43 23.54 3.03
C PRO B 174 1.39 23.84 4.14
N PRO B 175 2.15 22.83 4.61
CA PRO B 175 3.10 23.04 5.72
C PRO B 175 4.20 24.02 5.41
N ARG B 176 4.42 25.04 6.27
CA ARG B 176 5.57 25.97 6.10
C ARG B 176 6.89 25.46 6.67
N ASP B 177 6.83 24.77 7.81
CA ASP B 177 7.99 24.06 8.35
C ASP B 177 8.09 22.76 7.57
N ARG B 178 9.19 22.57 6.86
CA ARG B 178 9.47 21.47 5.98
C ARG B 178 10.35 20.35 6.57
N ALA B 179 10.69 20.44 7.86
CA ALA B 179 11.66 19.45 8.43
C ALA B 179 11.10 18.04 8.44
N LEU B 180 9.80 17.91 8.75
CA LEU B 180 9.14 16.63 8.71
C LEU B 180 9.04 16.13 7.29
N VAL B 181 8.47 16.95 6.39
CA VAL B 181 8.29 16.50 4.99
C VAL B 181 9.62 16.04 4.38
N ASP B 182 10.69 16.82 4.60
CA ASP B 182 12.01 16.52 4.01
C ASP B 182 12.76 15.33 4.61
N HIS B 183 12.31 14.82 5.75
CA HIS B 183 12.99 13.67 6.38
C HIS B 183 12.94 12.41 5.52
N GLU B 184 14.07 11.70 5.44
CA GLU B 184 14.15 10.51 4.60
C GLU B 184 13.16 9.39 4.97
N ASN B 185 12.73 9.31 6.23
CA ASN B 185 11.80 8.30 6.69
C ASN B 185 10.35 8.76 6.76
N VAL B 186 10.04 9.91 6.15
CA VAL B 186 8.67 10.43 6.15
C VAL B 186 8.14 10.39 4.72
N ILE B 187 6.98 9.80 4.56
CA ILE B 187 6.19 9.83 3.32
C ILE B 187 4.98 10.71 3.52
N SER B 188 4.49 11.36 2.51
CA SER B 188 3.52 12.38 2.64
C SER B 188 2.66 12.57 1.42
N CYS B 189 1.49 13.14 1.63
CA CYS B 189 0.54 13.46 0.53
C CYS B 189 -0.16 14.79 0.85
N PRO B 190 -0.64 15.56 -0.11
CA PRO B 190 -1.26 16.88 0.15
C PRO B 190 -2.71 16.72 0.48
N HIS B 191 -2.94 16.11 1.66
CA HIS B 191 -4.31 15.88 2.13
C HIS B 191 -5.22 15.23 1.06
N LEU B 192 -4.78 14.05 0.68
CA LEU B 192 -5.51 13.24 -0.30
C LEU B 192 -6.50 12.19 0.20
N GLY B 193 -6.81 12.13 1.49
CA GLY B 193 -7.63 11.08 2.00
C GLY B 193 -9.01 10.93 1.38
N ALA B 194 -9.65 12.00 0.99
CA ALA B 194 -10.99 11.97 0.38
C ALA B 194 -10.90 12.19 -1.14
N SER B 195 -9.68 12.29 -1.67
CA SER B 195 -9.47 12.62 -3.09
C SER B 195 -9.54 11.37 -4.03
N THR B 196 -10.75 10.86 -4.18
CA THR B 196 -10.99 9.88 -5.18
C THR B 196 -12.19 10.28 -6.00
N LYS B 197 -12.23 9.76 -7.21
CA LYS B 197 -13.38 10.04 -8.05
C LYS B 197 -14.66 9.54 -7.41
N GLU B 198 -14.62 8.39 -6.75
CA GLU B 198 -15.79 7.83 -6.05
C GLU B 198 -16.30 8.66 -4.83
N ALA B 199 -15.42 9.03 -3.90
CA ALA B 199 -15.82 9.90 -2.77
C ALA B 199 -16.36 11.23 -3.29
N GLN B 200 -15.72 11.76 -4.32
CA GLN B 200 -16.12 13.08 -4.84
C GLN B 200 -17.52 13.02 -5.44
N SER B 201 -17.87 11.86 -5.99
CA SER B 201 -18.94 11.75 -7.03
C SER B 201 -19.98 10.85 -6.46
N ARG B 202 -20.85 11.42 -5.64
CA ARG B 202 -21.87 10.62 -4.90
C ARG B 202 -23.07 10.35 -5.81
#